data_4MUY
#
_entry.id   4MUY
#
_cell.length_a   70.190
_cell.length_b   80.460
_cell.length_c   110.890
_cell.angle_alpha   90.00
_cell.angle_beta   90.00
_cell.angle_gamma   90.00
#
_symmetry.space_group_name_H-M   'P 21 21 21'
#
loop_
_entity.id
_entity.type
_entity.pdbx_description
1 polymer '4-hydroxy-3-methylbut-2-enyl diphosphate reductase'
2 non-polymer 'FE3-S4 CLUSTER'
3 non-polymer 'pyridin-4-ylmethyl trihydrogen diphosphate'
4 water water
#
_entity_poly.entity_id   1
_entity_poly.type   'polypeptide(L)'
_entity_poly.pdbx_seq_one_letter_code
;MRGSHHHHHHGSMQILLANPRGFCAGVDRAISIVENALAIYGAPIYVRHEVVHNRYVVDSLRERGAIFIEQISEVPDGAI
LIFSAHGVSQAVRNEAKSRDLTVFDATCPLVTKVHMEVARASRRGEESILIGHAGHPEVEGTMGQYSNPEGGMYLVESPD
DVWKLTVKNEEKLSFMTQTTLSVDDTSDVIDALRKRFPKIVGPRKDDICYATTNRQEAVRALAEQAEVVLVVGSKNSSNS
NRLAELAQRMGKRAFLIDDAKDIQEEWVKEVKCVGVTAGASAPDILVQNVVARLQQLGGGEAIPLEGREENIVFEVPKEL
RVDIREV
;
_entity_poly.pdbx_strand_id   A,B
#
loop_
_chem_comp.id
_chem_comp.type
_chem_comp.name
_chem_comp.formula
2E5 non-polymer 'pyridin-4-ylmethyl trihydrogen diphosphate' 'C6 H9 N O7 P2'
F3S non-polymer 'FE3-S4 CLUSTER' 'Fe3 S4'
#
# COMPACT_ATOMS: atom_id res chain seq x y z
N MET A 13 16.88 14.47 33.15
CA MET A 13 17.02 13.88 31.79
C MET A 13 15.67 13.89 31.10
N GLN A 14 15.67 14.34 29.84
CA GLN A 14 14.46 14.39 29.03
C GLN A 14 14.38 13.10 28.21
N ILE A 15 13.21 12.49 28.16
CA ILE A 15 12.99 11.28 27.36
C ILE A 15 12.11 11.65 26.18
N LEU A 16 12.61 11.38 24.98
CA LEU A 16 11.91 11.69 23.73
C LEU A 16 11.57 10.37 23.05
N LEU A 17 10.36 10.29 22.50
CA LEU A 17 9.92 9.09 21.78
C LEU A 17 9.80 9.41 20.30
N ALA A 18 10.40 8.58 19.46
CA ALA A 18 10.29 8.71 18.01
C ALA A 18 8.89 8.40 17.51
N ASN A 19 8.52 9.05 16.42
CA ASN A 19 7.22 8.82 15.82
C ASN A 19 7.26 8.93 14.33
N PRO A 20 6.91 7.86 13.60
CA PRO A 20 6.43 6.54 14.02
C PRO A 20 7.51 5.71 14.66
N ARG A 21 7.09 4.72 15.43
CA ARG A 21 7.98 3.71 15.98
C ARG A 21 7.18 2.42 16.12
N GLY A 22 7.85 1.30 16.32
CA GLY A 22 7.11 0.11 16.65
C GLY A 22 6.33 -0.51 15.51
N PHE A 23 5.34 -1.30 15.89
CA PHE A 23 4.57 -2.14 14.96
C PHE A 23 4.15 -1.50 13.68
N CYS A 24 4.48 -2.17 12.58
CA CYS A 24 3.94 -1.85 11.26
C CYS A 24 2.71 -2.73 10.99
N ALA A 25 2.06 -2.51 9.85
CA ALA A 25 0.88 -3.31 9.45
C ALA A 25 1.18 -4.80 9.20
N GLY A 26 2.35 -5.08 8.64
CA GLY A 26 2.72 -6.46 8.30
C GLY A 26 2.99 -7.29 9.53
N VAL A 27 3.63 -6.68 10.51
CA VAL A 27 3.95 -7.38 11.76
C VAL A 27 2.67 -7.64 12.54
N ASP A 28 1.79 -6.63 12.58
CA ASP A 28 0.58 -6.80 13.36
C ASP A 28 -0.27 -7.91 12.75
N ARG A 29 -0.30 -7.99 11.42
CA ARG A 29 -1.02 -9.04 10.72
C ARG A 29 -0.43 -10.40 11.01
N ALA A 30 0.89 -10.49 10.88
CA ALA A 30 1.61 -11.76 11.00
C ALA A 30 1.44 -12.35 12.38
N ILE A 31 1.54 -11.51 13.41
CA ILE A 31 1.38 -12.00 14.78
C ILE A 31 -0.06 -12.44 15.00
N SER A 32 -1.00 -11.64 14.50
CA SER A 32 -2.41 -11.99 14.61
C SER A 32 -2.73 -13.33 13.94
N ILE A 33 -2.10 -13.60 12.80
CA ILE A 33 -2.29 -14.86 12.09
C ILE A 33 -1.91 -16.04 12.98
N VAL A 34 -0.79 -15.92 13.67
CA VAL A 34 -0.33 -17.02 14.55
C VAL A 34 -1.24 -17.15 15.78
N GLU A 35 -1.60 -16.02 16.38
CA GLU A 35 -2.46 -16.01 17.57
C GLU A 35 -3.82 -16.61 17.24
N ASN A 36 -4.41 -16.15 16.15
CA ASN A 36 -5.69 -16.63 15.71
C ASN A 36 -5.68 -18.11 15.36
N ALA A 37 -4.62 -18.55 14.70
CA ALA A 37 -4.46 -19.97 14.39
C ALA A 37 -4.43 -20.79 15.66
N LEU A 38 -3.71 -20.31 16.68
CA LEU A 38 -3.66 -21.02 17.96
C LEU A 38 -5.05 -21.06 18.59
N ALA A 39 -5.77 -19.95 18.55
CA ALA A 39 -7.11 -19.89 19.14
C ALA A 39 -8.06 -20.88 18.46
N ILE A 40 -7.93 -21.01 17.15
CA ILE A 40 -8.90 -21.76 16.35
C ILE A 40 -8.63 -23.26 16.35
N TYR A 41 -7.37 -23.61 16.11
CA TYR A 41 -6.92 -24.99 15.97
C TYR A 41 -6.21 -25.56 17.20
N GLY A 42 -5.84 -24.70 18.14
CA GLY A 42 -5.08 -25.15 19.32
C GLY A 42 -3.63 -25.47 18.99
N ALA A 43 -2.84 -25.70 20.04
CA ALA A 43 -1.46 -26.12 19.90
C ALA A 43 -1.35 -27.57 19.43
N PRO A 44 -0.33 -27.88 18.63
CA PRO A 44 0.72 -26.99 18.13
C PRO A 44 0.35 -26.34 16.79
N ILE A 45 0.87 -25.13 16.58
CA ILE A 45 0.89 -24.48 15.29
C ILE A 45 2.34 -24.31 14.88
N TYR A 46 2.71 -24.84 13.72
CA TYR A 46 4.07 -24.69 13.24
C TYR A 46 4.23 -23.41 12.47
N VAL A 47 5.39 -22.80 12.65
CA VAL A 47 5.71 -21.53 12.00
C VAL A 47 7.11 -21.67 11.39
N ARG A 48 7.20 -21.43 10.09
CA ARG A 48 8.49 -21.45 9.41
C ARG A 48 9.24 -20.14 9.59
N HIS A 49 10.31 -20.24 10.41
CA HIS A 49 11.10 -19.12 10.85
C HIS A 49 10.36 -18.33 11.94
N GLU A 50 11.10 -17.56 12.72
CA GLU A 50 10.50 -16.66 13.69
C GLU A 50 9.47 -15.82 12.95
N VAL A 51 8.26 -15.75 13.49
CA VAL A 51 7.19 -15.10 12.75
C VAL A 51 7.59 -13.67 12.41
N VAL A 52 8.12 -12.96 13.40
CA VAL A 52 8.83 -11.69 13.25
C VAL A 52 10.11 -11.85 14.06
N HIS A 53 11.12 -11.05 13.78
CA HIS A 53 12.39 -11.08 14.49
C HIS A 53 12.33 -10.29 15.79
N ASN A 54 11.54 -10.80 16.74
CA ASN A 54 11.48 -10.25 18.07
C ASN A 54 11.38 -11.37 19.12
N ARG A 55 12.36 -11.38 20.01
CA ARG A 55 12.48 -12.42 21.04
C ARG A 55 11.23 -12.51 21.93
N TYR A 56 10.74 -11.36 22.42
CA TYR A 56 9.58 -11.33 23.30
C TYR A 56 8.32 -11.92 22.63
N VAL A 57 8.08 -11.58 21.37
CA VAL A 57 6.95 -12.06 20.62
C VAL A 57 7.07 -13.57 20.41
N VAL A 58 8.23 -13.98 19.91
CA VAL A 58 8.54 -15.38 19.64
C VAL A 58 8.46 -16.24 20.93
N ASP A 59 9.10 -15.81 22.02
CA ASP A 59 9.04 -16.56 23.30
C ASP A 59 7.59 -16.73 23.78
N SER A 60 6.80 -15.66 23.66
CA SER A 60 5.39 -15.65 24.06
C SER A 60 4.58 -16.68 23.29
N LEU A 61 4.71 -16.64 21.96
CA LEU A 61 4.01 -17.54 21.08
C LEU A 61 4.45 -19.02 21.32
N ARG A 62 5.74 -19.22 21.59
CA ARG A 62 6.25 -20.57 21.93
C ARG A 62 5.60 -21.09 23.21
N GLU A 63 5.54 -20.25 24.25
CA GLU A 63 4.84 -20.56 25.50
C GLU A 63 3.37 -20.93 25.25
N ARG A 64 2.77 -20.37 24.18
CA ARG A 64 1.39 -20.71 23.83
C ARG A 64 1.24 -21.91 22.88
N GLY A 65 2.34 -22.51 22.44
CA GLY A 65 2.26 -23.71 21.60
C GLY A 65 2.60 -23.55 20.12
N ALA A 66 3.15 -22.41 19.73
CA ALA A 66 3.75 -22.29 18.42
C ALA A 66 5.13 -22.95 18.45
N ILE A 67 5.43 -23.71 17.40
CA ILE A 67 6.72 -24.36 17.27
C ILE A 67 7.40 -23.76 16.06
N PHE A 68 8.57 -23.14 16.27
CA PHE A 68 9.26 -22.45 15.20
C PHE A 68 10.33 -23.35 14.61
N ILE A 69 10.24 -23.57 13.31
CA ILE A 69 11.14 -24.46 12.58
C ILE A 69 11.83 -23.73 11.43
N GLU A 70 12.96 -24.24 10.97
CA GLU A 70 13.61 -23.62 9.82
C GLU A 70 13.30 -24.36 8.55
N GLN A 71 13.24 -25.69 8.65
CA GLN A 71 12.99 -26.54 7.51
C GLN A 71 11.66 -27.27 7.63
N ILE A 72 10.98 -27.41 6.50
CA ILE A 72 9.65 -28.03 6.42
C ILE A 72 9.71 -29.49 6.83
N SER A 73 10.87 -30.12 6.63
CA SER A 73 11.06 -31.50 7.05
C SER A 73 10.96 -31.72 8.55
N GLU A 74 10.92 -30.62 9.32
CA GLU A 74 10.70 -30.68 10.78
C GLU A 74 9.21 -30.72 11.15
N VAL A 75 8.33 -30.53 10.17
CA VAL A 75 6.89 -30.46 10.41
C VAL A 75 6.23 -31.78 10.09
N PRO A 76 5.43 -32.33 11.02
CA PRO A 76 4.77 -33.62 10.79
C PRO A 76 3.62 -33.47 9.81
N ASP A 77 3.20 -34.59 9.22
CA ASP A 77 2.06 -34.62 8.31
C ASP A 77 0.78 -34.19 9.03
N GLY A 78 -0.14 -33.58 8.28
CA GLY A 78 -1.43 -33.14 8.82
C GLY A 78 -1.40 -31.79 9.53
N ALA A 79 -0.20 -31.27 9.78
CA ALA A 79 -0.02 -30.11 10.65
C ALA A 79 -0.44 -28.81 9.97
N ILE A 80 -0.60 -27.78 10.79
CA ILE A 80 -0.82 -26.42 10.33
C ILE A 80 0.52 -25.71 10.34
N LEU A 81 0.88 -25.11 9.20
CA LEU A 81 2.15 -24.40 9.02
C LEU A 81 1.83 -22.99 8.64
N ILE A 82 2.55 -22.05 9.23
CA ILE A 82 2.41 -20.64 8.89
C ILE A 82 3.77 -20.18 8.39
N PHE A 83 3.82 -19.55 7.23
CA PHE A 83 5.07 -18.93 6.77
C PHE A 83 5.23 -17.59 7.47
N SER A 84 6.46 -17.24 7.84
CA SER A 84 6.69 -16.00 8.57
C SER A 84 6.51 -14.75 7.70
N ALA A 85 6.51 -13.59 8.35
CA ALA A 85 6.29 -12.32 7.69
C ALA A 85 7.34 -12.05 6.62
N HIS A 86 8.51 -12.67 6.76
CA HIS A 86 9.63 -12.43 5.87
C HIS A 86 9.46 -13.06 4.51
N GLY A 87 8.57 -14.04 4.39
CA GLY A 87 8.35 -14.73 3.12
C GLY A 87 9.17 -16.00 2.94
N VAL A 88 8.86 -16.76 1.90
CA VAL A 88 9.55 -18.03 1.63
C VAL A 88 9.75 -18.21 0.14
N SER A 89 10.75 -19.00 -0.21
CA SER A 89 10.99 -19.37 -1.59
C SER A 89 9.87 -20.23 -2.15
N GLN A 90 9.76 -20.24 -3.48
CA GLN A 90 8.90 -21.16 -4.19
C GLN A 90 9.20 -22.60 -3.81
N ALA A 91 10.47 -22.93 -3.65
CA ALA A 91 10.90 -24.30 -3.27
C ALA A 91 10.33 -24.71 -1.92
N VAL A 92 10.43 -23.81 -0.93
CA VAL A 92 9.82 -24.04 0.38
C VAL A 92 8.32 -24.18 0.24
N ARG A 93 7.72 -23.28 -0.53
CA ARG A 93 6.27 -23.26 -0.67
C ARG A 93 5.78 -24.54 -1.34
N ASN A 94 6.44 -24.94 -2.43
CA ASN A 94 6.11 -26.20 -3.11
C ASN A 94 6.39 -27.41 -2.23
N GLU A 95 7.46 -27.35 -1.45
CA GLU A 95 7.81 -28.42 -0.49
C GLU A 95 6.72 -28.58 0.59
N ALA A 96 6.13 -27.46 1.02
CA ALA A 96 4.96 -27.49 1.91
C ALA A 96 3.72 -27.96 1.15
N LYS A 97 3.54 -27.44 -0.07
CA LYS A 97 2.34 -27.69 -0.89
C LYS A 97 2.17 -29.17 -1.27
N SER A 98 3.28 -29.84 -1.55
CA SER A 98 3.26 -31.26 -1.90
C SER A 98 2.88 -32.11 -0.69
N ARG A 99 3.24 -31.64 0.50
CA ARG A 99 2.95 -32.35 1.74
C ARG A 99 1.49 -32.14 2.17
N ASP A 100 1.10 -32.80 3.25
CA ASP A 100 -0.28 -32.82 3.71
C ASP A 100 -0.66 -31.56 4.55
N LEU A 101 0.22 -30.57 4.57
CA LEU A 101 0.13 -29.47 5.53
C LEU A 101 -0.92 -28.45 5.16
N THR A 102 -1.62 -27.91 6.16
CA THR A 102 -2.48 -26.76 5.97
C THR A 102 -1.64 -25.51 6.18
N VAL A 103 -1.54 -24.70 5.14
CA VAL A 103 -0.63 -23.57 5.13
C VAL A 103 -1.42 -22.27 5.23
N PHE A 104 -0.99 -21.41 6.14
CA PHE A 104 -1.40 -20.02 6.13
C PHE A 104 -0.16 -19.19 5.86
N ASP A 105 -0.30 -18.14 5.07
CA ASP A 105 0.85 -17.34 4.71
C ASP A 105 0.83 -16.00 5.43
N ALA A 106 1.72 -15.81 6.40
CA ALA A 106 1.84 -14.51 7.07
C ALA A 106 2.81 -13.55 6.39
N THR A 107 3.31 -13.89 5.20
CA THR A 107 4.21 -13.02 4.45
C THR A 107 3.56 -11.65 4.32
N CYS A 108 4.32 -10.63 4.65
CA CYS A 108 3.79 -9.26 4.53
C CYS A 108 3.39 -8.96 3.07
N PRO A 109 2.19 -8.37 2.83
CA PRO A 109 1.82 -8.00 1.46
C PRO A 109 2.91 -7.22 0.68
N LEU A 110 3.70 -6.42 1.38
CA LEU A 110 4.74 -5.60 0.74
C LEU A 110 5.99 -6.39 0.34
N VAL A 111 6.16 -7.55 0.95
CA VAL A 111 7.16 -8.50 0.49
C VAL A 111 6.62 -9.28 -0.71
N THR A 112 5.39 -9.78 -0.60
CA THR A 112 4.73 -10.47 -1.72
C THR A 112 4.80 -9.65 -3.02
N LYS A 113 4.59 -8.33 -2.89
CA LYS A 113 4.67 -7.42 -4.04
C LYS A 113 5.99 -7.57 -4.79
N VAL A 114 7.09 -7.63 -4.04
CA VAL A 114 8.40 -7.79 -4.64
C VAL A 114 8.53 -9.18 -5.27
N HIS A 115 8.08 -10.22 -4.55
CA HIS A 115 8.09 -11.61 -5.03
C HIS A 115 7.49 -11.72 -6.45
N MET A 116 6.34 -11.08 -6.61
CA MET A 116 5.61 -11.14 -7.87
C MET A 116 6.43 -10.56 -9.02
N GLU A 117 7.17 -9.49 -8.77
CA GLU A 117 8.02 -8.93 -9.81
C GLU A 117 9.18 -9.85 -10.17
N VAL A 118 9.78 -10.50 -9.17
CA VAL A 118 10.85 -11.44 -9.44
C VAL A 118 10.32 -12.59 -10.30
N ALA A 119 9.16 -13.12 -9.89
CA ALA A 119 8.48 -14.19 -10.63
C ALA A 119 8.23 -13.78 -12.08
N ARG A 120 7.73 -12.57 -12.28
CA ARG A 120 7.50 -12.05 -13.63
C ARG A 120 8.78 -12.11 -14.46
N ALA A 121 9.88 -11.59 -13.92
CA ALA A 121 11.14 -11.55 -14.64
C ALA A 121 11.66 -12.95 -14.97
N SER A 122 11.51 -13.88 -14.03
CA SER A 122 11.89 -15.27 -14.23
C SER A 122 11.10 -15.89 -15.39
N ARG A 123 9.79 -15.67 -15.40
CA ARG A 123 8.94 -16.15 -16.50
C ARG A 123 9.44 -15.67 -17.87
N ARG A 124 10.05 -14.50 -17.90
CA ARG A 124 10.56 -13.90 -19.15
C ARG A 124 12.00 -14.29 -19.48
N GLY A 125 12.68 -14.95 -18.56
CA GLY A 125 14.08 -15.33 -18.74
C GLY A 125 15.00 -14.12 -18.73
N GLU A 126 14.55 -13.05 -18.09
CA GLU A 126 15.29 -11.80 -18.04
C GLU A 126 15.89 -11.66 -16.66
N GLU A 127 17.13 -11.18 -16.65
CA GLU A 127 17.91 -11.19 -15.42
C GLU A 127 17.42 -10.13 -14.45
N SER A 128 17.57 -10.45 -13.17
CA SER A 128 17.16 -9.58 -12.10
C SER A 128 18.25 -9.45 -11.07
N ILE A 129 18.39 -8.26 -10.50
CA ILE A 129 19.32 -8.02 -9.43
C ILE A 129 18.52 -7.60 -8.19
N LEU A 130 18.76 -8.28 -7.08
CA LEU A 130 18.19 -7.87 -5.81
C LEU A 130 19.23 -7.13 -4.95
N ILE A 131 18.84 -6.00 -4.37
CA ILE A 131 19.66 -5.29 -3.38
C ILE A 131 19.25 -5.79 -2.02
N GLY A 132 20.18 -6.35 -1.24
CA GLY A 132 19.82 -6.84 0.07
C GLY A 132 20.99 -7.51 0.75
N HIS A 133 20.74 -8.02 1.94
CA HIS A 133 21.78 -8.58 2.80
C HIS A 133 21.73 -10.12 2.74
N ALA A 134 22.85 -10.72 2.32
CA ALA A 134 22.98 -12.18 2.23
C ALA A 134 22.55 -12.91 3.50
N GLY A 135 21.90 -14.05 3.36
CA GLY A 135 21.46 -14.87 4.49
C GLY A 135 20.20 -14.49 5.22
N HIS A 136 19.69 -13.28 4.96
CA HIS A 136 18.45 -12.87 5.59
C HIS A 136 17.30 -13.66 4.95
N PRO A 137 16.32 -14.10 5.77
CA PRO A 137 15.26 -14.94 5.20
C PRO A 137 14.45 -14.26 4.09
N GLU A 138 14.25 -12.94 4.19
CA GLU A 138 13.59 -12.22 3.10
C GLU A 138 14.37 -12.31 1.78
N VAL A 139 15.69 -12.17 1.85
CA VAL A 139 16.52 -12.28 0.66
C VAL A 139 16.43 -13.71 0.09
N GLU A 140 16.53 -14.72 0.98
CA GLU A 140 16.40 -16.10 0.52
C GLU A 140 15.03 -16.35 -0.12
N GLY A 141 13.98 -15.76 0.43
CA GLY A 141 12.64 -15.93 -0.12
C GLY A 141 12.47 -15.22 -1.46
N THR A 142 12.96 -13.99 -1.56
CA THR A 142 12.86 -13.24 -2.81
C THR A 142 13.72 -13.82 -3.94
N MET A 143 14.99 -14.14 -3.65
CA MET A 143 15.85 -14.79 -4.64
C MET A 143 15.18 -16.08 -5.08
N GLY A 144 14.48 -16.71 -4.14
CA GLY A 144 13.81 -17.98 -4.37
C GLY A 144 12.56 -17.96 -5.21
N GLN A 145 12.16 -16.78 -5.72
CA GLN A 145 11.08 -16.67 -6.68
C GLN A 145 11.60 -16.77 -8.11
N TYR A 146 12.90 -16.74 -8.29
CA TYR A 146 13.51 -16.82 -9.63
C TYR A 146 13.97 -18.23 -9.92
N SER A 147 13.54 -18.80 -11.04
CA SER A 147 13.89 -20.19 -11.36
C SER A 147 14.33 -20.44 -12.80
N ASN A 148 14.21 -19.45 -13.69
CA ASN A 148 14.55 -19.63 -15.11
C ASN A 148 16.08 -19.64 -15.32
N PRO A 149 16.69 -20.80 -15.65
CA PRO A 149 18.14 -20.85 -15.87
C PRO A 149 18.66 -20.07 -17.10
N GLU A 150 17.79 -19.76 -18.05
CA GLU A 150 18.17 -18.91 -19.18
C GLU A 150 18.47 -17.47 -18.75
N GLY A 151 17.82 -16.99 -17.69
CA GLY A 151 18.13 -15.68 -17.14
C GLY A 151 19.14 -15.75 -16.02
N GLY A 152 18.85 -15.05 -14.93
CA GLY A 152 19.72 -15.06 -13.77
C GLY A 152 19.19 -14.15 -12.68
N MET A 153 19.58 -14.45 -11.45
CA MET A 153 19.18 -13.66 -10.29
C MET A 153 20.44 -13.38 -9.49
N TYR A 154 20.76 -12.10 -9.31
CA TYR A 154 22.01 -11.71 -8.67
C TYR A 154 21.79 -10.88 -7.41
N LEU A 155 22.58 -11.14 -6.38
CA LEU A 155 22.46 -10.37 -5.15
C LEU A 155 23.58 -9.34 -5.05
N VAL A 156 23.26 -8.08 -4.77
CA VAL A 156 24.29 -7.06 -4.50
C VAL A 156 23.97 -6.41 -3.17
N GLU A 157 25.00 -6.11 -2.39
CA GLU A 157 24.80 -5.49 -1.08
C GLU A 157 25.35 -4.06 -1.02
N SER A 158 26.16 -3.66 -1.99
CA SER A 158 26.91 -2.40 -1.92
C SER A 158 27.26 -1.92 -3.33
N PRO A 159 27.69 -0.65 -3.48
CA PRO A 159 28.22 -0.26 -4.79
C PRO A 159 29.38 -1.14 -5.26
N ASP A 160 30.28 -1.54 -4.35
CA ASP A 160 31.39 -2.41 -4.76
C ASP A 160 30.91 -3.71 -5.41
N ASP A 161 29.83 -4.28 -4.88
CA ASP A 161 29.21 -5.48 -5.47
C ASP A 161 28.68 -5.18 -6.89
N VAL A 162 28.10 -4.00 -7.08
CA VAL A 162 27.65 -3.60 -8.42
C VAL A 162 28.83 -3.51 -9.37
N TRP A 163 29.90 -2.86 -8.91
CA TRP A 163 31.10 -2.64 -9.75
C TRP A 163 31.74 -3.93 -10.26
N LYS A 164 31.50 -5.07 -9.60
CA LYS A 164 32.09 -6.32 -10.09
C LYS A 164 31.09 -7.32 -10.70
N LEU A 165 29.81 -6.95 -10.73
CA LEU A 165 28.80 -7.82 -11.32
C LEU A 165 28.89 -7.78 -12.83
N THR A 166 28.84 -8.96 -13.45
CA THR A 166 28.65 -9.04 -14.90
C THR A 166 27.37 -9.81 -15.12
N VAL A 167 26.60 -9.39 -16.12
CA VAL A 167 25.38 -10.10 -16.47
C VAL A 167 25.43 -10.57 -17.91
N LYS A 168 24.55 -11.48 -18.25
CA LYS A 168 24.48 -12.03 -19.60
C LYS A 168 23.86 -11.04 -20.59
N ASN A 169 22.79 -10.36 -20.20
CA ASN A 169 22.15 -9.40 -21.10
C ASN A 169 21.70 -8.13 -20.39
N GLU A 170 22.57 -7.13 -20.43
CA GLU A 170 22.31 -5.92 -19.68
C GLU A 170 21.27 -5.02 -20.34
N GLU A 171 20.80 -5.40 -21.54
CA GLU A 171 19.68 -4.71 -22.20
C GLU A 171 18.34 -5.12 -21.60
N LYS A 172 18.31 -6.28 -20.95
CA LYS A 172 17.08 -6.81 -20.35
C LYS A 172 17.34 -7.14 -18.90
N LEU A 173 17.34 -6.10 -18.09
CA LEU A 173 17.78 -6.19 -16.71
C LEU A 173 16.83 -5.40 -15.81
N SER A 174 16.46 -5.97 -14.67
CA SER A 174 15.71 -5.19 -13.70
C SER A 174 16.21 -5.40 -12.30
N PHE A 175 15.79 -4.52 -11.39
CA PHE A 175 16.22 -4.68 -10.01
C PHE A 175 15.08 -4.54 -9.04
N MET A 176 15.33 -5.06 -7.86
CA MET A 176 14.39 -5.05 -6.74
C MET A 176 15.19 -4.88 -5.49
N THR A 177 14.49 -4.61 -4.38
CA THR A 177 15.16 -4.48 -3.08
C THR A 177 14.46 -5.20 -1.93
N GLN A 178 15.25 -5.55 -0.92
CA GLN A 178 14.78 -5.88 0.39
C GLN A 178 13.99 -4.71 0.99
N THR A 179 13.00 -5.02 1.82
CA THR A 179 12.02 -4.00 2.28
C THR A 179 12.55 -3.16 3.44
N THR A 180 13.61 -3.62 4.10
CA THR A 180 14.06 -3.04 5.36
C THR A 180 15.44 -2.37 5.32
N LEU A 181 15.93 -2.06 4.13
CA LEU A 181 17.24 -1.49 3.96
C LEU A 181 17.31 -0.05 4.40
N SER A 182 18.55 0.39 4.66
CA SER A 182 18.88 1.80 4.75
C SER A 182 18.44 2.53 3.48
N VAL A 183 17.56 3.52 3.62
CA VAL A 183 17.16 4.32 2.47
C VAL A 183 18.38 4.98 1.82
N ASP A 184 19.24 5.59 2.63
CA ASP A 184 20.41 6.28 2.09
C ASP A 184 21.38 5.33 1.39
N ASP A 185 21.77 4.23 2.02
CA ASP A 185 22.71 3.30 1.39
C ASP A 185 22.16 2.73 0.09
N THR A 186 20.86 2.44 0.10
CA THR A 186 20.22 1.82 -1.04
C THR A 186 20.25 2.79 -2.21
N SER A 187 20.04 4.07 -1.91
CA SER A 187 20.13 5.09 -2.95
C SER A 187 21.49 5.06 -3.65
N ASP A 188 22.58 4.89 -2.89
CA ASP A 188 23.94 4.80 -3.48
C ASP A 188 24.09 3.57 -4.37
N VAL A 189 23.52 2.44 -3.94
CA VAL A 189 23.60 1.20 -4.69
C VAL A 189 22.86 1.36 -6.01
N ILE A 190 21.68 1.97 -5.96
CA ILE A 190 20.89 2.19 -7.15
C ILE A 190 21.61 3.15 -8.12
N ASP A 191 22.25 4.18 -7.61
CA ASP A 191 23.00 5.11 -8.46
C ASP A 191 24.10 4.34 -9.20
N ALA A 192 24.71 3.38 -8.51
CA ALA A 192 25.75 2.55 -9.12
C ALA A 192 25.18 1.64 -10.18
N LEU A 193 24.04 0.99 -9.90
CA LEU A 193 23.38 0.10 -10.87
C LEU A 193 23.09 0.85 -12.16
N ARG A 194 22.57 2.06 -12.03
CA ARG A 194 22.23 2.86 -13.19
C ARG A 194 23.44 3.38 -13.97
N LYS A 195 24.57 3.59 -13.31
CA LYS A 195 25.82 3.97 -14.02
C LYS A 195 26.41 2.77 -14.76
N ARG A 196 26.41 1.60 -14.12
CA ARG A 196 26.92 0.38 -14.75
C ARG A 196 25.98 -0.17 -15.82
N PHE A 197 24.67 -0.09 -15.57
CA PHE A 197 23.67 -0.73 -16.40
C PHE A 197 22.62 0.30 -16.78
N PRO A 198 22.95 1.18 -17.73
CA PRO A 198 22.04 2.30 -18.00
C PRO A 198 20.60 1.92 -18.41
N LYS A 199 20.39 0.72 -18.94
CA LYS A 199 19.04 0.28 -19.33
C LYS A 199 18.26 -0.48 -18.25
N ILE A 200 18.85 -0.62 -17.06
CA ILE A 200 18.19 -1.33 -15.96
C ILE A 200 16.86 -0.64 -15.58
N VAL A 201 15.87 -1.48 -15.32
CA VAL A 201 14.52 -1.06 -14.99
C VAL A 201 14.21 -1.40 -13.53
N GLY A 202 13.57 -0.46 -12.84
CA GLY A 202 13.16 -0.68 -11.46
C GLY A 202 11.92 0.05 -11.07
N PRO A 203 11.59 0.03 -9.77
CA PRO A 203 10.52 0.93 -9.34
C PRO A 203 11.03 2.36 -9.39
N ARG A 204 10.18 3.34 -9.10
CA ARG A 204 10.62 4.73 -9.17
C ARG A 204 11.79 5.02 -8.26
N LYS A 205 11.80 4.38 -7.10
CA LYS A 205 12.82 4.61 -6.10
C LYS A 205 13.38 3.24 -5.69
N ASP A 206 12.64 2.50 -4.86
CA ASP A 206 13.10 1.20 -4.38
C ASP A 206 11.90 0.36 -3.88
N ASP A 207 12.14 -0.81 -3.30
CA ASP A 207 11.09 -1.59 -2.64
C ASP A 207 11.15 -1.49 -1.10
N ILE A 208 11.82 -0.47 -0.57
CA ILE A 208 11.82 -0.21 0.86
C ILE A 208 10.41 0.21 1.26
N CYS A 209 9.85 -0.44 2.28
CA CYS A 209 8.46 -0.23 2.63
C CYS A 209 8.24 1.09 3.38
N TYR A 210 6.97 1.51 3.41
CA TYR A 210 6.57 2.76 4.09
C TYR A 210 7.04 2.78 5.54
N ALA A 211 6.94 1.64 6.21
CA ALA A 211 7.27 1.58 7.64
C ALA A 211 8.76 1.79 7.88
N THR A 212 9.60 1.18 7.04
CA THR A 212 11.05 1.35 7.11
C THR A 212 11.44 2.80 6.81
N THR A 213 10.92 3.32 5.73
CA THR A 213 11.16 4.73 5.41
C THR A 213 10.79 5.63 6.57
N ASN A 214 9.59 5.44 7.11
CA ASN A 214 9.06 6.32 8.15
C ASN A 214 9.82 6.22 9.47
N ARG A 215 10.21 5.01 9.87
CA ARG A 215 10.98 4.89 11.09
C ARG A 215 12.37 5.48 10.96
N GLN A 216 12.97 5.38 9.78
CA GLN A 216 14.27 5.98 9.55
C GLN A 216 14.18 7.48 9.56
N GLU A 217 13.15 8.03 8.94
CA GLU A 217 12.95 9.47 9.00
C GLU A 217 12.73 9.93 10.46
N ALA A 218 11.97 9.16 11.22
CA ALA A 218 11.69 9.46 12.61
C ALA A 218 12.93 9.38 13.50
N VAL A 219 13.76 8.36 13.33
CA VAL A 219 14.97 8.28 14.13
C VAL A 219 16.00 9.37 13.78
N ARG A 220 16.03 9.83 12.54
CA ARG A 220 16.84 10.99 12.17
C ARG A 220 16.42 12.22 12.98
N ALA A 221 15.11 12.47 13.07
CA ALA A 221 14.60 13.63 13.81
C ALA A 221 14.94 13.48 15.30
N LEU A 222 14.78 12.27 15.82
CA LEU A 222 15.10 11.94 17.20
C LEU A 222 16.56 12.23 17.52
N ALA A 223 17.46 11.67 16.70
CA ALA A 223 18.90 11.80 16.90
C ALA A 223 19.38 13.25 16.78
N GLU A 224 18.65 14.11 16.08
CA GLU A 224 18.98 15.55 16.07
C GLU A 224 18.84 16.17 17.46
N GLN A 225 17.93 15.64 18.27
CA GLN A 225 17.68 16.17 19.62
C GLN A 225 18.39 15.38 20.72
N ALA A 226 18.44 14.06 20.58
CA ALA A 226 18.94 13.18 21.64
C ALA A 226 20.43 12.94 21.51
N GLU A 227 21.12 12.87 22.64
CA GLU A 227 22.54 12.52 22.72
C GLU A 227 22.72 11.02 22.57
N VAL A 228 21.75 10.29 23.11
CA VAL A 228 21.77 8.82 23.11
C VAL A 228 20.43 8.30 22.62
N VAL A 229 20.45 7.25 21.80
CA VAL A 229 19.23 6.67 21.22
C VAL A 229 19.17 5.19 21.57
N LEU A 230 18.03 4.75 22.09
CA LEU A 230 17.78 3.34 22.37
C LEU A 230 16.78 2.85 21.36
N VAL A 231 17.16 1.78 20.66
CA VAL A 231 16.28 1.18 19.69
C VAL A 231 15.83 -0.16 20.25
N VAL A 232 14.54 -0.28 20.50
CA VAL A 232 13.97 -1.52 20.98
C VAL A 232 13.79 -2.44 19.77
N GLY A 233 14.43 -3.61 19.85
CA GLY A 233 14.42 -4.54 18.76
C GLY A 233 15.44 -5.63 19.00
N SER A 234 15.21 -6.79 18.41
CA SER A 234 16.14 -7.90 18.56
C SER A 234 17.30 -7.81 17.59
N LYS A 235 18.37 -8.53 17.92
CA LYS A 235 19.61 -8.46 17.14
C LYS A 235 19.45 -8.87 15.71
N ASN A 236 18.52 -9.79 15.43
CA ASN A 236 18.38 -10.32 14.08
C ASN A 236 17.30 -9.56 13.31
N SER A 237 16.82 -8.47 13.89
CA SER A 237 15.89 -7.60 13.13
C SER A 237 16.66 -6.62 12.24
N SER A 238 16.58 -6.83 10.93
CA SER A 238 17.21 -5.97 9.96
C SER A 238 16.77 -4.52 10.10
N ASN A 239 15.46 -4.30 10.13
CA ASN A 239 14.98 -2.93 10.13
C ASN A 239 15.41 -2.24 11.44
N SER A 240 15.42 -2.98 12.55
CA SER A 240 15.80 -2.41 13.86
C SER A 240 17.27 -1.98 13.86
N ASN A 241 18.10 -2.82 13.25
CA ASN A 241 19.52 -2.54 13.11
C ASN A 241 19.75 -1.26 12.31
N ARG A 242 18.95 -1.04 11.27
CA ARG A 242 19.10 0.19 10.47
C ARG A 242 18.84 1.46 11.25
N LEU A 243 17.93 1.40 12.20
CA LEU A 243 17.60 2.54 13.05
C LEU A 243 18.77 2.87 13.94
N ALA A 244 19.36 1.85 14.57
CA ALA A 244 20.52 2.06 15.41
C ALA A 244 21.69 2.64 14.61
N GLU A 245 21.95 2.04 13.46
CA GLU A 245 23.04 2.48 12.59
C GLU A 245 22.88 3.93 12.14
N LEU A 246 21.67 4.28 11.77
CA LEU A 246 21.37 5.64 11.33
C LEU A 246 21.75 6.67 12.40
N ALA A 247 21.31 6.42 13.62
CA ALA A 247 21.63 7.23 14.78
C ALA A 247 23.14 7.29 15.04
N GLN A 248 23.82 6.15 15.00
CA GLN A 248 25.26 6.09 15.18
C GLN A 248 26.03 6.90 14.15
N ARG A 249 25.61 6.81 12.90
CA ARG A 249 26.21 7.57 11.82
C ARG A 249 26.04 9.08 12.01
N MET A 250 25.03 9.47 12.77
CA MET A 250 24.83 10.87 13.12
C MET A 250 25.64 11.29 14.33
N GLY A 251 26.45 10.38 14.86
CA GLY A 251 27.38 10.70 15.91
C GLY A 251 26.81 10.53 17.30
N LYS A 252 25.66 9.87 17.39
CA LYS A 252 25.01 9.62 18.67
C LYS A 252 25.32 8.19 19.09
N ARG A 253 25.50 7.99 20.38
CA ARG A 253 25.60 6.63 20.91
C ARG A 253 24.21 6.02 20.76
N ALA A 254 24.13 4.87 20.12
CA ALA A 254 22.86 4.18 19.96
C ALA A 254 23.03 2.71 20.29
N PHE A 255 22.03 2.16 20.96
CA PHE A 255 22.04 0.76 21.37
C PHE A 255 20.76 0.07 20.93
N LEU A 256 20.91 -1.13 20.39
CA LEU A 256 19.82 -2.02 20.08
C LEU A 256 19.62 -2.94 21.29
N ILE A 257 18.41 -2.91 21.85
CA ILE A 257 18.12 -3.61 23.10
C ILE A 257 16.80 -4.36 23.00
N ASP A 258 16.77 -5.57 23.54
CA ASP A 258 15.54 -6.35 23.56
C ASP A 258 14.55 -5.86 24.59
N ASP A 259 15.03 -5.37 25.72
CA ASP A 259 14.16 -4.89 26.78
C ASP A 259 14.91 -4.07 27.84
N ALA A 260 14.16 -3.57 28.82
CA ALA A 260 14.67 -2.59 29.77
C ALA A 260 15.86 -3.08 30.59
N LYS A 261 15.94 -4.39 30.85
CA LYS A 261 17.07 -4.98 31.58
C LYS A 261 18.44 -4.75 30.92
N ASP A 262 18.45 -4.62 29.59
CA ASP A 262 19.66 -4.45 28.79
C ASP A 262 20.30 -3.07 28.97
N ILE A 263 19.54 -2.11 29.51
CA ILE A 263 20.05 -0.74 29.63
C ILE A 263 21.14 -0.70 30.71
N GLN A 264 22.30 -0.19 30.34
CA GLN A 264 23.40 -0.05 31.29
C GLN A 264 23.44 1.42 31.71
N GLU A 265 23.54 1.65 33.01
CA GLU A 265 23.46 3.00 33.59
C GLU A 265 24.49 3.98 32.99
N GLU A 266 25.67 3.49 32.62
CA GLU A 266 26.72 4.34 32.06
C GLU A 266 26.27 4.99 30.74
N TRP A 267 25.37 4.33 30.04
CA TRP A 267 24.88 4.78 28.75
C TRP A 267 24.13 6.11 28.85
N VAL A 268 23.44 6.33 29.97
CA VAL A 268 22.65 7.55 30.15
C VAL A 268 23.10 8.41 31.33
N LYS A 269 24.20 8.06 31.98
CA LYS A 269 24.71 8.90 33.07
C LYS A 269 25.07 10.30 32.54
N GLU A 270 24.55 11.34 33.19
CA GLU A 270 24.85 12.74 32.82
C GLU A 270 24.39 13.09 31.39
N VAL A 271 23.50 12.28 30.84
CA VAL A 271 22.91 12.55 29.55
C VAL A 271 21.68 13.39 29.81
N LYS A 272 21.55 14.49 29.06
CA LYS A 272 20.45 15.44 29.30
C LYS A 272 19.23 15.09 28.44
N CYS A 273 19.46 14.38 27.35
CA CYS A 273 18.37 14.01 26.47
C CYS A 273 18.62 12.63 25.87
N VAL A 274 17.75 11.68 26.22
CA VAL A 274 17.78 10.31 25.68
C VAL A 274 16.57 10.09 24.77
N GLY A 275 16.78 9.48 23.62
CA GLY A 275 15.69 9.19 22.69
C GLY A 275 15.41 7.69 22.65
N VAL A 276 14.15 7.33 22.43
CA VAL A 276 13.75 5.93 22.33
C VAL A 276 12.92 5.75 21.07
N THR A 277 13.27 4.71 20.35
CA THR A 277 12.42 4.23 19.28
C THR A 277 12.35 2.72 19.33
N ALA A 278 11.65 2.15 18.36
CA ALA A 278 11.41 0.72 18.30
C ALA A 278 11.33 0.33 16.84
N GLY A 279 11.93 -0.82 16.52
CA GLY A 279 11.78 -1.42 15.21
C GLY A 279 10.35 -1.87 14.95
N ALA A 280 10.10 -2.27 13.72
CA ALA A 280 8.77 -2.63 13.26
C ALA A 280 8.21 -3.91 13.91
N SER A 281 9.09 -4.75 14.47
CA SER A 281 8.68 -6.01 15.09
C SER A 281 8.61 -5.96 16.65
N ALA A 282 8.81 -4.78 17.24
CA ALA A 282 8.86 -4.62 18.70
C ALA A 282 7.55 -4.12 19.30
N PRO A 283 6.92 -4.91 20.17
CA PRO A 283 5.68 -4.51 20.85
C PRO A 283 5.84 -3.30 21.75
N ASP A 284 4.81 -2.47 21.76
CA ASP A 284 4.81 -1.24 22.53
C ASP A 284 5.08 -1.44 24.02
N ILE A 285 4.64 -2.56 24.58
CA ILE A 285 4.89 -2.80 25.99
C ILE A 285 6.39 -2.77 26.32
N LEU A 286 7.24 -3.21 25.38
CA LEU A 286 8.68 -3.16 25.58
C LEU A 286 9.20 -1.73 25.69
N VAL A 287 8.66 -0.83 24.85
CA VAL A 287 8.98 0.58 24.94
C VAL A 287 8.54 1.16 26.27
N GLN A 288 7.33 0.82 26.71
CA GLN A 288 6.81 1.34 27.98
C GLN A 288 7.72 0.96 29.15
N ASN A 289 8.24 -0.27 29.11
CA ASN A 289 9.16 -0.74 30.15
C ASN A 289 10.51 -0.05 30.09
N VAL A 290 10.98 0.23 28.87
CA VAL A 290 12.22 0.99 28.67
C VAL A 290 12.07 2.38 29.24
N VAL A 291 10.93 3.01 28.98
CA VAL A 291 10.66 4.32 29.52
C VAL A 291 10.66 4.24 31.03
N ALA A 292 10.02 3.22 31.59
CA ALA A 292 9.92 3.11 33.04
C ALA A 292 11.32 3.04 33.67
N ARG A 293 12.22 2.30 33.01
CA ARG A 293 13.60 2.17 33.45
C ARG A 293 14.39 3.48 33.34
N LEU A 294 14.19 4.22 32.25
CA LEU A 294 14.89 5.50 32.10
C LEU A 294 14.45 6.50 33.16
N GLN A 295 13.18 6.41 33.55
CA GLN A 295 12.62 7.22 34.66
C GLN A 295 13.23 6.88 36.02
N GLN A 296 13.44 5.60 36.26
CA GLN A 296 14.18 5.17 37.44
C GLN A 296 15.59 5.76 37.43
N LEU A 297 16.16 5.90 36.24
CA LEU A 297 17.47 6.49 36.07
C LEU A 297 17.41 8.02 35.86
N GLY A 298 16.32 8.63 36.30
CA GLY A 298 16.26 10.10 36.40
C GLY A 298 15.54 10.82 35.29
N GLY A 299 15.01 10.07 34.32
CA GLY A 299 14.22 10.67 33.26
C GLY A 299 12.86 11.15 33.75
N GLY A 300 12.28 12.11 33.03
CA GLY A 300 10.95 12.63 33.33
C GLY A 300 9.88 12.04 32.43
N GLU A 301 8.80 12.78 32.21
CA GLU A 301 7.71 12.32 31.36
C GLU A 301 8.22 12.12 29.93
N ALA A 302 7.87 10.98 29.32
CA ALA A 302 8.25 10.71 27.94
C ALA A 302 7.49 11.63 27.01
N ILE A 303 8.23 12.32 26.15
CA ILE A 303 7.62 13.25 25.18
C ILE A 303 7.65 12.67 23.77
N PRO A 304 6.47 12.36 23.20
CA PRO A 304 6.40 11.96 21.80
C PRO A 304 6.77 13.08 20.85
N LEU A 305 7.65 12.81 19.89
CA LEU A 305 7.88 13.78 18.84
C LEU A 305 6.71 13.77 17.88
N GLU A 306 6.51 14.91 17.21
CA GLU A 306 5.58 15.04 16.13
C GLU A 306 6.03 14.10 15.03
N GLY A 307 5.11 13.36 14.42
CA GLY A 307 5.47 12.45 13.35
C GLY A 307 4.45 12.28 12.25
N ARG A 308 4.91 11.77 11.11
CA ARG A 308 4.04 11.40 10.01
C ARG A 308 3.01 10.35 10.45
N GLU A 309 1.74 10.62 10.18
CA GLU A 309 0.64 9.70 10.48
C GLU A 309 0.78 8.47 9.60
N GLU A 310 0.70 7.29 10.21
CA GLU A 310 0.56 6.06 9.44
C GLU A 310 -0.86 5.58 9.60
N ASN A 311 -1.45 5.09 8.53
CA ASN A 311 -2.85 4.68 8.56
C ASN A 311 -3.11 3.31 7.92
N ILE A 312 -2.07 2.61 7.49
CA ILE A 312 -2.28 1.35 6.78
C ILE A 312 -2.46 0.20 7.78
N VAL A 313 -3.46 -0.63 7.49
CA VAL A 313 -3.69 -1.88 8.21
C VAL A 313 -3.84 -3.01 7.19
N PHE A 314 -3.27 -4.18 7.50
CA PHE A 314 -3.46 -5.35 6.67
C PHE A 314 -4.25 -6.40 7.46
N GLU A 315 -5.39 -6.83 6.94
CA GLU A 315 -6.26 -7.75 7.68
C GLU A 315 -5.76 -9.18 7.59
N VAL A 316 -6.09 -9.98 8.60
CA VAL A 316 -5.80 -11.41 8.55
C VAL A 316 -6.70 -12.03 7.48
N PRO A 317 -6.30 -13.20 6.94
CA PRO A 317 -7.21 -13.88 6.01
C PRO A 317 -8.56 -14.20 6.69
N LYS A 318 -9.63 -14.25 5.90
CA LYS A 318 -10.96 -14.51 6.45
C LYS A 318 -11.00 -15.87 7.14
N GLU A 319 -10.24 -16.83 6.60
CA GLU A 319 -10.10 -18.16 7.22
C GLU A 319 -9.58 -18.15 8.66
N LEU A 320 -9.02 -17.02 9.10
CA LEU A 320 -8.43 -16.91 10.44
C LEU A 320 -9.07 -15.86 11.35
N ARG A 321 -10.24 -15.34 10.95
CA ARG A 321 -10.98 -14.45 11.85
C ARG A 321 -11.45 -15.24 13.06
N MET B 13 -33.29 -17.90 -13.43
CA MET B 13 -32.20 -16.90 -13.64
C MET B 13 -31.20 -16.96 -12.49
N GLN B 14 -29.94 -17.21 -12.80
CA GLN B 14 -28.93 -17.27 -11.74
C GLN B 14 -28.28 -15.89 -11.59
N ILE B 15 -28.11 -15.47 -10.34
CA ILE B 15 -27.46 -14.19 -10.02
C ILE B 15 -26.06 -14.48 -9.51
N LEU B 16 -25.07 -13.88 -10.17
CA LEU B 16 -23.66 -14.03 -9.82
C LEU B 16 -23.18 -12.70 -9.26
N LEU B 17 -22.35 -12.77 -8.23
CA LEU B 17 -21.74 -11.57 -7.64
C LEU B 17 -20.24 -11.58 -7.86
N ALA B 18 -19.73 -10.50 -8.42
CA ALA B 18 -18.29 -10.35 -8.63
C ALA B 18 -17.54 -10.20 -7.30
N ASN B 19 -16.35 -10.77 -7.23
CA ASN B 19 -15.50 -10.59 -6.05
C ASN B 19 -14.07 -10.39 -6.49
N PRO B 20 -13.45 -9.29 -6.07
CA PRO B 20 -13.94 -8.18 -5.25
C PRO B 20 -14.96 -7.26 -5.98
N ARG B 21 -15.80 -6.60 -5.22
CA ARG B 21 -16.70 -5.54 -5.73
C ARG B 21 -16.88 -4.53 -4.62
N GLY B 22 -17.36 -3.34 -4.96
CA GLY B 22 -17.72 -2.35 -3.97
C GLY B 22 -16.52 -1.74 -3.25
N PHE B 23 -16.77 -1.31 -2.03
CA PHE B 23 -15.86 -0.41 -1.33
C PHE B 23 -14.44 -0.89 -1.35
N CYS B 24 -13.55 0.04 -1.67
CA CYS B 24 -12.12 -0.10 -1.49
C CYS B 24 -11.74 0.56 -0.15
N ALA B 25 -10.48 0.42 0.23
CA ALA B 25 -9.95 1.04 1.45
C ALA B 25 -10.05 2.57 1.44
N GLY B 26 -9.79 3.18 0.29
CA GLY B 26 -9.77 4.64 0.21
C GLY B 26 -11.13 5.25 0.41
N VAL B 27 -12.13 4.64 -0.19
CA VAL B 27 -13.52 5.10 -0.08
C VAL B 27 -14.05 4.85 1.32
N ASP B 28 -13.76 3.67 1.89
CA ASP B 28 -14.21 3.40 3.26
C ASP B 28 -13.68 4.48 4.20
N ARG B 29 -12.41 4.85 4.02
CA ARG B 29 -11.80 5.87 4.84
C ARG B 29 -12.44 7.22 4.61
N ALA B 30 -12.60 7.58 3.35
CA ALA B 30 -13.12 8.92 3.02
C ALA B 30 -14.51 9.16 3.59
N ILE B 31 -15.40 8.18 3.44
CA ILE B 31 -16.76 8.33 3.93
C ILE B 31 -16.72 8.37 5.44
N SER B 32 -15.90 7.52 6.05
CA SER B 32 -15.81 7.56 7.48
C SER B 32 -15.34 8.91 8.03
N ILE B 33 -14.44 9.56 7.32
CA ILE B 33 -13.94 10.87 7.73
C ILE B 33 -15.08 11.86 7.81
N VAL B 34 -15.90 11.88 6.78
CA VAL B 34 -17.10 12.76 6.79
C VAL B 34 -18.09 12.36 7.89
N GLU B 35 -18.40 11.07 8.00
CA GLU B 35 -19.38 10.58 8.99
C GLU B 35 -18.93 10.91 10.40
N ASN B 36 -17.67 10.59 10.72
CA ASN B 36 -17.12 10.81 12.06
C ASN B 36 -16.95 12.26 12.41
N ALA B 37 -16.59 13.10 11.42
CA ALA B 37 -16.55 14.55 11.63
C ALA B 37 -17.94 15.09 11.98
N LEU B 38 -18.97 14.61 11.29
CA LEU B 38 -20.36 15.00 11.63
C LEU B 38 -20.74 14.54 13.04
N ALA B 39 -20.38 13.30 13.36
CA ALA B 39 -20.66 12.75 14.69
C ALA B 39 -19.96 13.53 15.79
N ILE B 40 -18.68 13.84 15.57
CA ILE B 40 -17.84 14.49 16.57
C ILE B 40 -18.17 15.98 16.73
N TYR B 41 -18.26 16.71 15.62
CA TYR B 41 -18.39 18.18 15.63
C TYR B 41 -19.81 18.67 15.32
N GLY B 42 -20.67 17.78 14.84
CA GLY B 42 -22.01 18.17 14.45
C GLY B 42 -22.06 18.79 13.06
N ALA B 43 -23.28 18.97 12.55
CA ALA B 43 -23.50 19.67 11.28
C ALA B 43 -23.39 21.17 11.49
N PRO B 44 -22.92 21.93 10.50
CA PRO B 44 -22.50 21.47 9.19
C PRO B 44 -21.03 21.07 9.12
N ILE B 45 -20.74 20.12 8.24
CA ILE B 45 -19.36 19.85 7.81
C ILE B 45 -19.28 20.15 6.32
N TYR B 46 -18.31 20.95 5.90
CA TYR B 46 -18.14 21.28 4.48
C TYR B 46 -17.21 20.31 3.77
N VAL B 47 -17.63 19.86 2.60
CA VAL B 47 -16.84 18.93 1.79
C VAL B 47 -16.63 19.54 0.43
N ARG B 48 -15.35 19.61 0.04
CA ARG B 48 -14.99 20.16 -1.25
C ARG B 48 -15.19 19.13 -2.34
N HIS B 49 -16.22 19.33 -3.16
CA HIS B 49 -16.66 18.35 -4.15
C HIS B 49 -17.21 17.07 -3.48
N GLU B 50 -17.91 16.26 -4.26
CA GLU B 50 -18.51 15.03 -3.73
C GLU B 50 -17.41 14.17 -3.13
N VAL B 51 -17.62 13.72 -1.90
CA VAL B 51 -16.55 13.00 -1.21
C VAL B 51 -16.09 11.79 -2.05
N VAL B 52 -17.07 11.07 -2.58
CA VAL B 52 -16.84 10.05 -3.59
C VAL B 52 -17.91 10.25 -4.64
N HIS B 53 -17.72 9.64 -5.81
CA HIS B 53 -18.68 9.81 -6.91
C HIS B 53 -19.80 8.78 -6.83
N ASN B 54 -20.64 8.93 -5.81
CA ASN B 54 -21.79 8.08 -5.65
C ASN B 54 -22.95 8.89 -5.09
N ARG B 55 -24.04 8.89 -5.84
CA ARG B 55 -25.25 9.62 -5.53
C ARG B 55 -25.84 9.29 -4.17
N TYR B 56 -25.97 7.99 -3.86
CA TYR B 56 -26.53 7.55 -2.59
C TYR B 56 -25.69 8.06 -1.39
N VAL B 57 -24.36 7.91 -1.49
CA VAL B 57 -23.45 8.33 -0.42
C VAL B 57 -23.58 9.83 -0.23
N VAL B 58 -23.54 10.55 -1.34
CA VAL B 58 -23.55 12.02 -1.28
C VAL B 58 -24.88 12.50 -0.69
N ASP B 59 -25.99 11.94 -1.19
CA ASP B 59 -27.33 12.29 -0.72
C ASP B 59 -27.50 11.99 0.76
N SER B 60 -27.02 10.82 1.19
CA SER B 60 -27.04 10.43 2.60
C SER B 60 -26.28 11.41 3.50
N LEU B 61 -25.06 11.76 3.08
CA LEU B 61 -24.26 12.70 3.87
C LEU B 61 -24.87 14.10 3.88
N ARG B 62 -25.44 14.54 2.76
CA ARG B 62 -26.17 15.80 2.71
C ARG B 62 -27.32 15.80 3.73
N GLU B 63 -28.08 14.71 3.75
CA GLU B 63 -29.18 14.53 4.70
C GLU B 63 -28.72 14.63 6.16
N ARG B 64 -27.49 14.19 6.44
CA ARG B 64 -26.93 14.29 7.81
C ARG B 64 -26.25 15.65 8.08
N GLY B 65 -26.27 16.56 7.11
CA GLY B 65 -25.72 17.90 7.32
C GLY B 65 -24.36 18.22 6.71
N ALA B 66 -23.77 17.30 5.94
CA ALA B 66 -22.63 17.66 5.09
C ALA B 66 -23.07 18.63 4.00
N ILE B 67 -22.26 19.65 3.77
CA ILE B 67 -22.55 20.61 2.75
C ILE B 67 -21.46 20.51 1.69
N PHE B 68 -21.87 20.14 0.49
CA PHE B 68 -20.95 19.96 -0.61
C PHE B 68 -20.77 21.27 -1.36
N ILE B 69 -19.51 21.72 -1.42
CA ILE B 69 -19.15 22.98 -2.07
C ILE B 69 -18.09 22.81 -3.15
N GLU B 70 -17.96 23.82 -4.01
CA GLU B 70 -17.07 23.72 -5.15
C GLU B 70 -15.76 24.45 -4.93
N GLN B 71 -15.80 25.57 -4.20
CA GLN B 71 -14.62 26.37 -3.91
C GLN B 71 -14.50 26.62 -2.42
N ILE B 72 -13.28 26.69 -1.94
CA ILE B 72 -13.01 26.90 -0.53
C ILE B 72 -13.57 28.27 -0.07
N SER B 73 -13.66 29.20 -1.00
CA SER B 73 -14.21 30.52 -0.72
C SER B 73 -15.69 30.47 -0.26
N GLU B 74 -16.38 29.37 -0.54
CA GLU B 74 -17.76 29.19 -0.10
C GLU B 74 -17.82 28.83 1.39
N VAL B 75 -16.69 28.42 1.96
CA VAL B 75 -16.66 27.91 3.33
C VAL B 75 -16.38 29.04 4.32
N PRO B 76 -17.21 29.16 5.37
CA PRO B 76 -17.02 30.23 6.36
C PRO B 76 -15.85 29.99 7.31
N ASP B 77 -15.30 31.08 7.86
CA ASP B 77 -14.23 30.93 8.86
C ASP B 77 -14.71 30.13 10.07
N GLY B 78 -13.81 29.33 10.63
CA GLY B 78 -14.15 28.49 11.78
C GLY B 78 -14.76 27.13 11.44
N ALA B 79 -14.95 26.83 10.16
CA ALA B 79 -15.61 25.59 9.76
C ALA B 79 -14.62 24.44 9.74
N ILE B 80 -15.17 23.22 9.61
CA ILE B 80 -14.43 22.03 9.27
C ILE B 80 -14.59 21.80 7.78
N LEU B 81 -13.49 21.60 7.08
CA LEU B 81 -13.52 21.32 5.64
C LEU B 81 -12.88 19.98 5.38
N ILE B 82 -13.45 19.21 4.46
CA ILE B 82 -12.93 17.89 4.07
C ILE B 82 -12.59 17.96 2.59
N PHE B 83 -11.38 17.54 2.21
CA PHE B 83 -11.04 17.35 0.80
C PHE B 83 -11.56 15.99 0.36
N SER B 84 -12.09 15.86 -0.86
CA SER B 84 -12.61 14.58 -1.35
C SER B 84 -11.53 13.52 -1.58
N ALA B 85 -11.98 12.29 -1.75
CA ALA B 85 -11.06 11.15 -1.94
C ALA B 85 -10.17 11.29 -3.17
N HIS B 86 -10.62 12.09 -4.14
CA HIS B 86 -9.96 12.25 -5.44
C HIS B 86 -8.71 13.10 -5.39
N GLY B 87 -8.55 13.88 -4.32
CA GLY B 87 -7.37 14.71 -4.13
C GLY B 87 -7.56 16.13 -4.61
N VAL B 88 -6.61 16.99 -4.29
CA VAL B 88 -6.69 18.43 -4.66
C VAL B 88 -5.32 18.93 -5.06
N SER B 89 -5.30 19.99 -5.87
CA SER B 89 -4.07 20.68 -6.24
C SER B 89 -3.37 21.30 -5.04
N GLN B 90 -2.07 21.60 -5.19
CA GLN B 90 -1.34 22.37 -4.19
C GLN B 90 -1.99 23.73 -3.94
N ALA B 91 -2.47 24.36 -5.01
CA ALA B 91 -3.13 25.66 -4.90
C ALA B 91 -4.30 25.58 -3.92
N VAL B 92 -5.10 24.52 -4.04
CA VAL B 92 -6.26 24.35 -3.18
C VAL B 92 -5.82 24.05 -1.75
N ARG B 93 -4.87 23.13 -1.59
CA ARG B 93 -4.34 22.83 -0.27
C ARG B 93 -3.85 24.08 0.42
N ASN B 94 -3.06 24.87 -0.29
CA ASN B 94 -2.43 26.06 0.27
C ASN B 94 -3.43 27.16 0.62
N GLU B 95 -4.45 27.32 -0.23
CA GLU B 95 -5.55 28.21 0.10
C GLU B 95 -6.22 27.84 1.42
N ALA B 96 -6.55 26.56 1.58
CA ALA B 96 -7.21 26.10 2.80
C ALA B 96 -6.29 26.27 4.01
N LYS B 97 -5.00 25.98 3.82
CA LYS B 97 -3.96 26.26 4.83
C LYS B 97 -3.93 27.72 5.32
N SER B 98 -4.07 28.66 4.40
CA SER B 98 -4.03 30.08 4.75
C SER B 98 -5.31 30.54 5.44
N ARG B 99 -6.38 29.75 5.34
CA ARG B 99 -7.69 30.11 5.90
C ARG B 99 -7.85 29.63 7.35
N ASP B 100 -8.71 30.31 8.08
CA ASP B 100 -9.09 29.92 9.44
C ASP B 100 -10.07 28.75 9.35
N LEU B 101 -9.56 27.55 9.07
CA LEU B 101 -10.40 26.37 8.86
C LEU B 101 -9.75 25.18 9.50
N THR B 102 -10.52 24.22 9.97
CA THR B 102 -9.94 22.93 10.34
C THR B 102 -10.11 22.00 9.13
N VAL B 103 -9.00 21.50 8.61
CA VAL B 103 -9.00 20.69 7.39
C VAL B 103 -8.67 19.23 7.67
N PHE B 104 -9.52 18.33 7.19
CA PHE B 104 -9.21 16.91 7.15
C PHE B 104 -9.11 16.53 5.70
N ASP B 105 -8.08 15.79 5.35
CA ASP B 105 -7.85 15.40 3.98
C ASP B 105 -8.28 13.97 3.76
N ALA B 106 -9.37 13.75 3.04
CA ALA B 106 -9.83 12.41 2.73
C ALA B 106 -9.27 11.85 1.41
N THR B 107 -8.29 12.53 0.82
CA THR B 107 -7.62 12.04 -0.36
C THR B 107 -7.15 10.61 -0.09
N CYS B 108 -7.42 9.70 -1.01
CA CYS B 108 -6.92 8.30 -0.79
C CYS B 108 -5.39 8.30 -0.72
N PRO B 109 -4.79 7.57 0.24
CA PRO B 109 -3.33 7.50 0.20
C PRO B 109 -2.73 7.13 -1.15
N LEU B 110 -3.43 6.32 -1.94
CA LEU B 110 -2.87 5.85 -3.21
C LEU B 110 -2.89 6.93 -4.30
N VAL B 111 -3.66 7.98 -4.07
CA VAL B 111 -3.61 9.17 -4.90
C VAL B 111 -2.50 10.07 -4.42
N THR B 112 -2.43 10.27 -3.10
CA THR B 112 -1.33 10.99 -2.47
C THR B 112 0.03 10.45 -2.93
N LYS B 113 0.14 9.15 -3.12
CA LYS B 113 1.37 8.53 -3.62
C LYS B 113 1.81 9.10 -4.98
N VAL B 114 0.86 9.23 -5.89
CA VAL B 114 1.12 9.79 -7.22
C VAL B 114 1.48 11.27 -7.08
N HIS B 115 0.72 12.00 -6.27
CA HIS B 115 0.99 13.43 -5.98
C HIS B 115 2.45 13.64 -5.62
N MET B 116 2.96 12.90 -4.66
CA MET B 116 4.35 13.07 -4.21
C MET B 116 5.36 12.91 -5.34
N GLU B 117 5.11 11.97 -6.25
CA GLU B 117 6.02 11.76 -7.38
C GLU B 117 5.98 12.91 -8.37
N VAL B 118 4.80 13.49 -8.57
CA VAL B 118 4.68 14.66 -9.45
C VAL B 118 5.40 15.86 -8.81
N ALA B 119 5.20 16.05 -7.51
CA ALA B 119 5.85 17.16 -6.79
C ALA B 119 7.36 17.06 -6.86
N ARG B 120 7.87 15.83 -6.78
CA ARG B 120 9.30 15.56 -6.92
C ARG B 120 9.84 15.95 -8.31
N ALA B 121 9.13 15.58 -9.37
CA ALA B 121 9.55 15.92 -10.72
C ALA B 121 9.55 17.43 -10.91
N SER B 122 8.56 18.10 -10.32
CA SER B 122 8.45 19.55 -10.39
C SER B 122 9.67 20.20 -9.72
N ARG B 123 9.99 19.73 -8.52
CA ARG B 123 11.23 20.17 -7.84
C ARG B 123 12.48 20.05 -8.71
N ARG B 124 12.58 18.95 -9.45
CA ARG B 124 13.75 18.72 -10.30
C ARG B 124 13.67 19.48 -11.63
N GLY B 125 12.55 20.14 -11.89
CA GLY B 125 12.35 20.89 -13.14
C GLY B 125 12.27 19.98 -14.34
N GLU B 126 11.87 18.73 -14.10
CA GLU B 126 11.89 17.71 -15.12
C GLU B 126 10.48 17.33 -15.50
N GLU B 127 10.26 17.21 -16.81
CA GLU B 127 8.92 17.13 -17.34
C GLU B 127 8.24 15.81 -16.99
N SER B 128 6.93 15.90 -16.80
CA SER B 128 6.13 14.77 -16.38
C SER B 128 4.92 14.65 -17.26
N ILE B 129 4.55 13.42 -17.56
CA ILE B 129 3.37 13.12 -18.33
C ILE B 129 2.39 12.31 -17.49
N LEU B 130 1.16 12.76 -17.43
CA LEU B 130 0.11 12.01 -16.75
C LEU B 130 -0.80 11.35 -17.76
N ILE B 131 -1.10 10.08 -17.55
CA ILE B 131 -2.10 9.38 -18.32
C ILE B 131 -3.40 9.46 -17.56
N GLY B 132 -4.41 10.08 -18.16
CA GLY B 132 -5.63 10.31 -17.42
C GLY B 132 -6.65 10.96 -18.32
N HIS B 133 -7.83 11.17 -17.74
CA HIS B 133 -8.97 11.75 -18.48
C HIS B 133 -9.18 13.21 -18.10
N ALA B 134 -9.13 14.09 -19.11
CA ALA B 134 -9.32 15.52 -18.91
C ALA B 134 -10.63 15.83 -18.18
N GLY B 135 -10.59 16.78 -17.25
CA GLY B 135 -11.77 17.17 -16.48
C GLY B 135 -11.97 16.44 -15.17
N HIS B 136 -11.37 15.26 -15.00
CA HIS B 136 -11.64 14.50 -13.80
C HIS B 136 -10.92 15.19 -12.63
N PRO B 137 -11.56 15.22 -11.43
CA PRO B 137 -10.94 15.92 -10.31
C PRO B 137 -9.61 15.32 -9.90
N GLU B 138 -9.46 14.01 -10.04
CA GLU B 138 -8.14 13.40 -9.75
C GLU B 138 -7.05 13.95 -10.68
N VAL B 139 -7.40 14.20 -11.95
CA VAL B 139 -6.42 14.74 -12.92
C VAL B 139 -6.07 16.19 -12.60
N GLU B 140 -7.08 16.97 -12.24
CA GLU B 140 -6.88 18.35 -11.83
C GLU B 140 -5.97 18.41 -10.61
N GLY B 141 -6.21 17.52 -9.65
CA GLY B 141 -5.43 17.48 -8.43
C GLY B 141 -3.98 17.07 -8.65
N THR B 142 -3.78 16.04 -9.48
CA THR B 142 -2.44 15.51 -9.78
C THR B 142 -1.62 16.46 -10.66
N MET B 143 -2.20 16.96 -11.74
CA MET B 143 -1.53 18.00 -12.54
C MET B 143 -1.19 19.19 -11.65
N GLY B 144 -2.09 19.49 -10.71
CA GLY B 144 -1.93 20.57 -9.75
C GLY B 144 -0.82 20.44 -8.72
N GLN B 145 -0.09 19.34 -8.77
CA GLN B 145 1.11 19.17 -7.95
C GLN B 145 2.36 19.66 -8.66
N TYR B 146 2.24 19.98 -9.94
CA TYR B 146 3.38 20.42 -10.73
C TYR B 146 3.33 21.93 -10.89
N SER B 147 4.43 22.60 -10.58
CA SER B 147 4.46 24.07 -10.63
C SER B 147 5.75 24.70 -11.19
N ASN B 148 6.70 23.90 -11.67
CA ASN B 148 7.98 24.43 -12.16
C ASN B 148 7.88 24.82 -13.64
N PRO B 149 7.91 26.14 -13.95
CA PRO B 149 7.75 26.54 -15.36
C PRO B 149 8.94 26.18 -16.26
N GLU B 150 10.12 25.93 -15.69
CA GLU B 150 11.25 25.39 -16.44
C GLU B 150 11.03 23.97 -16.95
N GLY B 151 10.23 23.20 -16.22
CA GLY B 151 9.82 21.85 -16.65
C GLY B 151 8.51 21.92 -17.41
N GLY B 152 7.60 21.00 -17.10
CA GLY B 152 6.30 20.97 -17.77
C GLY B 152 5.49 19.76 -17.35
N MET B 153 4.17 19.89 -17.42
CA MET B 153 3.25 18.81 -17.05
C MET B 153 2.24 18.64 -18.17
N TYR B 154 2.19 17.44 -18.73
CA TYR B 154 1.36 17.18 -19.91
C TYR B 154 0.41 16.04 -19.63
N LEU B 155 -0.79 16.13 -20.19
CA LEU B 155 -1.79 15.10 -20.04
C LEU B 155 -1.99 14.36 -21.35
N VAL B 156 -1.92 13.02 -21.31
CA VAL B 156 -2.29 12.20 -22.46
C VAL B 156 -3.41 11.21 -22.12
N GLU B 157 -4.31 11.01 -23.06
CA GLU B 157 -5.42 10.08 -22.87
C GLU B 157 -5.31 8.81 -23.71
N SER B 158 -4.48 8.83 -24.75
CA SER B 158 -4.47 7.74 -25.73
C SER B 158 -3.12 7.65 -26.42
N PRO B 159 -2.85 6.52 -27.11
CA PRO B 159 -1.62 6.49 -27.90
C PRO B 159 -1.54 7.66 -28.88
N ASP B 160 -2.66 8.01 -29.50
CA ASP B 160 -2.68 9.16 -30.42
C ASP B 160 -2.17 10.44 -29.78
N ASP B 161 -2.57 10.72 -28.53
CA ASP B 161 -2.08 11.89 -27.80
C ASP B 161 -0.56 11.83 -27.62
N VAL B 162 -0.04 10.62 -27.38
CA VAL B 162 1.41 10.40 -27.24
C VAL B 162 2.16 10.74 -28.53
N TRP B 163 1.64 10.23 -29.65
CA TRP B 163 2.25 10.43 -30.96
C TRP B 163 2.39 11.92 -31.32
N LYS B 164 1.41 12.74 -30.92
CA LYS B 164 1.44 14.16 -31.26
C LYS B 164 2.06 15.07 -30.18
N LEU B 165 2.54 14.48 -29.07
CA LEU B 165 3.04 15.26 -27.93
C LEU B 165 4.42 15.85 -28.19
N THR B 166 4.59 17.15 -27.92
CA THR B 166 5.90 17.81 -27.94
C THR B 166 6.38 18.09 -26.51
N VAL B 167 7.62 17.72 -26.24
CA VAL B 167 8.26 17.84 -24.93
C VAL B 167 9.56 18.64 -25.11
N LYS B 168 10.02 19.31 -24.04
CA LYS B 168 11.24 20.14 -24.13
C LYS B 168 12.54 19.35 -23.99
N ASN B 169 12.54 18.32 -23.15
CA ASN B 169 13.72 17.50 -22.98
C ASN B 169 13.33 16.05 -22.76
N GLU B 170 13.37 15.28 -23.84
CA GLU B 170 12.98 13.87 -23.84
C GLU B 170 13.88 12.99 -22.98
N GLU B 171 15.06 13.51 -22.63
CA GLU B 171 16.07 12.78 -21.88
C GLU B 171 15.74 12.73 -20.38
N LYS B 172 14.98 13.72 -19.92
CA LYS B 172 14.55 13.81 -18.52
C LYS B 172 13.01 13.89 -18.47
N LEU B 173 12.39 12.71 -18.42
CA LEU B 173 10.95 12.58 -18.60
C LEU B 173 10.45 11.47 -17.71
N SER B 174 9.36 11.72 -17.01
CA SER B 174 8.68 10.68 -16.25
C SER B 174 7.19 10.67 -16.55
N PHE B 175 6.54 9.55 -16.24
CA PHE B 175 5.11 9.46 -16.34
C PHE B 175 4.47 8.95 -15.06
N MET B 176 3.18 9.26 -14.93
CA MET B 176 2.33 8.85 -13.85
C MET B 176 0.99 8.53 -14.48
N THR B 177 0.11 7.90 -13.70
CA THR B 177 -1.23 7.61 -14.19
C THR B 177 -2.33 7.93 -13.16
N GLN B 178 -3.52 8.12 -13.71
CA GLN B 178 -4.74 8.13 -12.92
C GLN B 178 -4.98 6.72 -12.34
N THR B 179 -5.58 6.68 -11.14
CA THR B 179 -5.70 5.44 -10.35
C THR B 179 -6.79 4.49 -10.83
N THR B 180 -7.73 4.97 -11.65
CA THR B 180 -8.92 4.21 -11.98
C THR B 180 -9.07 3.87 -13.47
N LEU B 181 -7.98 3.96 -14.21
CA LEU B 181 -8.03 3.73 -15.64
C LEU B 181 -8.23 2.25 -15.97
N SER B 182 -8.67 1.99 -17.20
CA SER B 182 -8.59 0.67 -17.82
C SER B 182 -7.15 0.18 -17.83
N VAL B 183 -6.94 -0.99 -17.23
CA VAL B 183 -5.63 -1.60 -17.19
C VAL B 183 -5.12 -1.85 -18.61
N ASP B 184 -5.97 -2.49 -19.42
CA ASP B 184 -5.62 -2.78 -20.82
C ASP B 184 -5.27 -1.52 -21.64
N ASP B 185 -6.13 -0.49 -21.62
CA ASP B 185 -5.90 0.69 -22.44
C ASP B 185 -4.66 1.45 -21.98
N THR B 186 -4.48 1.58 -20.68
CA THR B 186 -3.32 2.24 -20.13
C THR B 186 -2.02 1.57 -20.58
N SER B 187 -2.05 0.25 -20.62
CA SER B 187 -0.94 -0.53 -21.16
C SER B 187 -0.57 -0.07 -22.57
N ASP B 188 -1.59 0.16 -23.41
CA ASP B 188 -1.38 0.67 -24.78
C ASP B 188 -0.70 2.05 -24.80
N VAL B 189 -1.12 2.92 -23.88
CA VAL B 189 -0.57 4.28 -23.80
C VAL B 189 0.89 4.20 -23.34
N ILE B 190 1.16 3.34 -22.38
CA ILE B 190 2.53 3.19 -21.89
C ILE B 190 3.45 2.61 -22.98
N ASP B 191 2.97 1.60 -23.71
CA ASP B 191 3.74 1.06 -24.84
C ASP B 191 4.09 2.19 -25.82
N ALA B 192 3.13 3.05 -26.10
CA ALA B 192 3.38 4.21 -26.96
C ALA B 192 4.39 5.18 -26.37
N LEU B 193 4.29 5.44 -25.06
CA LEU B 193 5.21 6.37 -24.42
C LEU B 193 6.64 5.87 -24.52
N ARG B 194 6.83 4.57 -24.30
CA ARG B 194 8.15 3.98 -24.33
C ARG B 194 8.76 3.88 -25.72
N LYS B 195 7.95 3.72 -26.76
CA LYS B 195 8.45 3.74 -28.14
C LYS B 195 8.85 5.16 -28.52
N ARG B 196 8.00 6.11 -28.17
CA ARG B 196 8.21 7.53 -28.49
C ARG B 196 9.35 8.17 -27.69
N PHE B 197 9.45 7.78 -26.42
CA PHE B 197 10.37 8.40 -25.47
C PHE B 197 11.12 7.30 -24.74
N PRO B 198 12.13 6.72 -25.37
CA PRO B 198 12.78 5.54 -24.80
C PRO B 198 13.45 5.73 -23.44
N LYS B 199 13.83 6.96 -23.09
CA LYS B 199 14.42 7.30 -21.79
C LYS B 199 13.39 7.60 -20.69
N ILE B 200 12.09 7.51 -20.99
CA ILE B 200 11.08 7.87 -20.01
C ILE B 200 11.14 6.92 -18.80
N VAL B 201 10.94 7.47 -17.62
CA VAL B 201 10.92 6.69 -16.38
C VAL B 201 9.52 6.68 -15.76
N GLY B 202 9.13 5.51 -15.27
CA GLY B 202 7.88 5.39 -14.54
C GLY B 202 7.94 4.32 -13.48
N PRO B 203 6.77 3.97 -12.90
CA PRO B 203 6.71 2.85 -11.99
C PRO B 203 6.90 1.56 -12.79
N ARG B 204 6.97 0.42 -12.14
CA ARG B 204 7.14 -0.82 -12.87
C ARG B 204 6.04 -1.03 -13.89
N LYS B 205 4.80 -0.64 -13.58
CA LYS B 205 3.70 -0.84 -14.49
C LYS B 205 2.93 0.47 -14.66
N ASP B 206 2.17 0.86 -13.65
CA ASP B 206 1.36 2.09 -13.72
C ASP B 206 0.96 2.52 -12.30
N ASP B 207 0.12 3.55 -12.17
CA ASP B 207 -0.37 3.95 -10.83
C ASP B 207 -1.81 3.53 -10.60
N ILE B 208 -2.31 2.62 -11.44
CA ILE B 208 -3.64 2.07 -11.26
C ILE B 208 -3.63 1.29 -9.95
N CYS B 209 -4.58 1.58 -9.06
CA CYS B 209 -4.54 1.01 -7.72
C CYS B 209 -4.99 -0.45 -7.71
N TYR B 210 -4.68 -1.10 -6.60
CA TYR B 210 -5.03 -2.51 -6.38
C TYR B 210 -6.53 -2.71 -6.59
N ALA B 211 -7.33 -1.75 -6.14
CA ALA B 211 -8.79 -1.94 -6.15
C ALA B 211 -9.37 -1.90 -7.57
N THR B 212 -8.89 -0.98 -8.39
CA THR B 212 -9.25 -0.92 -9.80
C THR B 212 -8.80 -2.18 -10.55
N THR B 213 -7.56 -2.60 -10.34
CA THR B 213 -7.05 -3.77 -10.98
C THR B 213 -7.90 -4.99 -10.63
N ASN B 214 -8.15 -5.17 -9.34
CA ASN B 214 -8.91 -6.32 -8.83
C ASN B 214 -10.34 -6.34 -9.33
N ARG B 215 -10.99 -5.17 -9.40
CA ARG B 215 -12.38 -5.12 -9.82
C ARG B 215 -12.56 -5.35 -11.32
N GLN B 216 -11.61 -4.86 -12.11
CA GLN B 216 -11.55 -5.18 -13.52
C GLN B 216 -11.26 -6.67 -13.75
N GLU B 217 -10.31 -7.22 -13.00
CA GLU B 217 -10.08 -8.68 -13.06
C GLU B 217 -11.35 -9.47 -12.70
N ALA B 218 -12.01 -9.08 -11.62
CA ALA B 218 -13.25 -9.71 -11.18
C ALA B 218 -14.45 -9.57 -12.16
N VAL B 219 -14.62 -8.41 -12.79
CA VAL B 219 -15.68 -8.29 -13.78
C VAL B 219 -15.35 -9.10 -15.05
N ARG B 220 -14.06 -9.27 -15.34
CA ARG B 220 -13.69 -10.14 -16.45
C ARG B 220 -14.16 -11.56 -16.18
N ALA B 221 -13.91 -12.09 -14.98
CA ALA B 221 -14.41 -13.43 -14.60
C ALA B 221 -15.95 -13.53 -14.60
N LEU B 222 -16.61 -12.48 -14.12
CA LEU B 222 -18.06 -12.43 -14.06
C LEU B 222 -18.64 -12.47 -15.46
N ALA B 223 -18.08 -11.67 -16.34
CA ALA B 223 -18.66 -11.51 -17.67
C ALA B 223 -18.50 -12.78 -18.50
N GLU B 224 -17.46 -13.56 -18.22
CA GLU B 224 -17.32 -14.87 -18.86
C GLU B 224 -18.52 -15.78 -18.60
N GLN B 225 -19.19 -15.62 -17.46
CA GLN B 225 -20.35 -16.43 -17.11
C GLN B 225 -21.71 -15.75 -17.35
N ALA B 226 -21.77 -14.46 -17.09
CA ALA B 226 -23.03 -13.71 -17.15
C ALA B 226 -23.34 -13.22 -18.58
N GLU B 227 -24.62 -13.21 -18.94
CA GLU B 227 -25.06 -12.65 -20.23
C GLU B 227 -25.22 -11.16 -20.09
N VAL B 228 -25.68 -10.72 -18.93
CA VAL B 228 -25.95 -9.32 -18.64
C VAL B 228 -25.14 -8.99 -17.40
N VAL B 229 -24.48 -7.84 -17.37
CA VAL B 229 -23.74 -7.41 -16.19
C VAL B 229 -24.30 -6.08 -15.72
N LEU B 230 -24.72 -6.02 -14.46
CA LEU B 230 -25.12 -4.76 -13.84
C LEU B 230 -23.97 -4.25 -13.00
N VAL B 231 -23.57 -3.01 -13.24
CA VAL B 231 -22.56 -2.38 -12.44
C VAL B 231 -23.19 -1.26 -11.62
N VAL B 232 -23.13 -1.41 -10.29
CA VAL B 232 -23.62 -0.37 -9.40
C VAL B 232 -22.59 0.75 -9.29
N GLY B 233 -22.99 1.96 -9.65
CA GLY B 233 -22.10 3.09 -9.61
C GLY B 233 -22.73 4.27 -10.33
N SER B 234 -22.25 5.47 -10.02
CA SER B 234 -22.79 6.66 -10.66
C SER B 234 -22.05 7.00 -11.94
N LYS B 235 -22.73 7.78 -12.77
CA LYS B 235 -22.22 8.18 -14.06
C LYS B 235 -20.90 8.92 -14.01
N ASN B 236 -20.61 9.63 -12.93
CA ASN B 236 -19.38 10.40 -12.84
C ASN B 236 -18.27 9.60 -12.15
N SER B 237 -18.52 8.32 -11.88
CA SER B 237 -17.46 7.45 -11.32
C SER B 237 -16.60 6.83 -12.43
N SER B 238 -15.33 7.24 -12.49
CA SER B 238 -14.38 6.74 -13.46
C SER B 238 -14.24 5.23 -13.34
N ASN B 239 -13.94 4.77 -12.13
CA ASN B 239 -13.69 3.33 -11.96
C ASN B 239 -14.93 2.52 -12.32
N SER B 240 -16.11 3.03 -11.96
CA SER B 240 -17.37 2.34 -12.25
C SER B 240 -17.58 2.24 -13.76
N ASN B 241 -17.30 3.32 -14.48
CA ASN B 241 -17.47 3.30 -15.95
C ASN B 241 -16.52 2.27 -16.59
N ARG B 242 -15.31 2.14 -16.04
CA ARG B 242 -14.35 1.15 -16.56
C ARG B 242 -14.88 -0.29 -16.43
N LEU B 243 -15.59 -0.56 -15.36
CA LEU B 243 -16.17 -1.88 -15.14
C LEU B 243 -17.26 -2.16 -16.16
N ALA B 244 -18.14 -1.18 -16.39
CA ALA B 244 -19.21 -1.39 -17.36
C ALA B 244 -18.63 -1.56 -18.76
N GLU B 245 -17.61 -0.76 -19.08
CA GLU B 245 -17.00 -0.79 -20.41
C GLU B 245 -16.29 -2.11 -20.68
N LEU B 246 -15.66 -2.66 -19.64
CA LEU B 246 -14.95 -3.91 -19.76
C LEU B 246 -15.93 -5.03 -20.12
N ALA B 247 -17.05 -5.10 -19.40
CA ALA B 247 -18.05 -6.13 -19.65
C ALA B 247 -18.62 -6.01 -21.07
N GLN B 248 -18.90 -4.77 -21.46
CA GLN B 248 -19.41 -4.43 -22.78
C GLN B 248 -18.43 -4.93 -23.86
N ARG B 249 -17.17 -4.58 -23.68
CA ARG B 249 -16.13 -4.95 -24.64
C ARG B 249 -15.94 -6.47 -24.79
N MET B 250 -16.30 -7.21 -23.75
CA MET B 250 -16.30 -8.67 -23.79
C MET B 250 -17.55 -9.28 -24.43
N GLY B 251 -18.44 -8.41 -24.90
CA GLY B 251 -19.59 -8.82 -25.69
C GLY B 251 -20.85 -9.05 -24.88
N LYS B 252 -20.83 -8.67 -23.60
CA LYS B 252 -22.02 -8.79 -22.78
C LYS B 252 -22.78 -7.47 -22.75
N ARG B 253 -24.06 -7.53 -22.39
CA ARG B 253 -24.86 -6.33 -22.24
C ARG B 253 -24.66 -5.81 -20.83
N ALA B 254 -24.08 -4.63 -20.73
CA ALA B 254 -23.69 -4.09 -19.44
C ALA B 254 -24.43 -2.79 -19.17
N PHE B 255 -24.82 -2.59 -17.92
CA PHE B 255 -25.57 -1.41 -17.51
C PHE B 255 -24.95 -0.83 -16.25
N LEU B 256 -24.66 0.47 -16.30
CA LEU B 256 -24.24 1.21 -15.14
C LEU B 256 -25.49 1.79 -14.49
N ILE B 257 -25.71 1.45 -13.23
CA ILE B 257 -26.93 1.85 -12.54
C ILE B 257 -26.59 2.41 -11.18
N ASP B 258 -27.32 3.44 -10.78
CA ASP B 258 -27.16 4.03 -9.47
C ASP B 258 -27.77 3.19 -8.38
N ASP B 259 -28.91 2.57 -8.68
CA ASP B 259 -29.59 1.69 -7.71
C ASP B 259 -30.64 0.79 -8.36
N ALA B 260 -31.25 -0.06 -7.54
CA ALA B 260 -32.14 -1.10 -8.02
C ALA B 260 -33.30 -0.55 -8.82
N LYS B 261 -33.75 0.67 -8.51
CA LYS B 261 -34.84 1.33 -9.25
C LYS B 261 -34.54 1.61 -10.73
N ASP B 262 -33.26 1.67 -11.09
CA ASP B 262 -32.84 1.85 -12.49
C ASP B 262 -33.07 0.62 -13.35
N ILE B 263 -33.12 -0.56 -12.74
CA ILE B 263 -33.24 -1.79 -13.50
C ILE B 263 -34.59 -1.85 -14.25
N GLN B 264 -34.53 -2.06 -15.56
CA GLN B 264 -35.73 -2.25 -16.37
C GLN B 264 -35.92 -3.76 -16.60
N GLU B 265 -37.16 -4.25 -16.49
CA GLU B 265 -37.41 -5.69 -16.65
C GLU B 265 -37.02 -6.23 -18.04
N GLU B 266 -37.17 -5.40 -19.08
CA GLU B 266 -36.67 -5.73 -20.42
C GLU B 266 -35.21 -6.22 -20.42
N TRP B 267 -34.37 -5.64 -19.56
CA TRP B 267 -32.93 -5.94 -19.57
C TRP B 267 -32.63 -7.41 -19.25
N VAL B 268 -33.48 -8.04 -18.44
CA VAL B 268 -33.20 -9.37 -17.92
C VAL B 268 -34.28 -10.41 -18.26
N LYS B 269 -35.26 -10.02 -19.08
CA LYS B 269 -36.27 -10.97 -19.50
C LYS B 269 -35.62 -12.14 -20.23
N GLU B 270 -35.82 -13.35 -19.69
CA GLU B 270 -35.33 -14.59 -20.28
C GLU B 270 -33.80 -14.74 -20.27
N VAL B 271 -33.10 -13.89 -19.52
CA VAL B 271 -31.67 -14.02 -19.32
C VAL B 271 -31.47 -15.11 -18.28
N LYS B 272 -30.62 -16.09 -18.60
CA LYS B 272 -30.40 -17.22 -17.70
C LYS B 272 -29.39 -16.89 -16.60
N CYS B 273 -28.45 -16.00 -16.91
CA CYS B 273 -27.43 -15.65 -15.93
C CYS B 273 -27.13 -14.15 -15.91
N VAL B 274 -27.34 -13.53 -14.76
CA VAL B 274 -27.08 -12.09 -14.59
C VAL B 274 -25.99 -11.86 -13.55
N GLY B 275 -25.01 -11.02 -13.89
CA GLY B 275 -23.92 -10.68 -13.00
C GLY B 275 -24.09 -9.31 -12.42
N VAL B 276 -23.67 -9.15 -11.16
CA VAL B 276 -23.69 -7.88 -10.47
C VAL B 276 -22.32 -7.58 -9.88
N THR B 277 -21.86 -6.37 -10.13
CA THR B 277 -20.70 -5.85 -9.45
C THR B 277 -21.00 -4.42 -9.04
N ALA B 278 -20.01 -3.79 -8.43
CA ALA B 278 -20.12 -2.47 -7.91
C ALA B 278 -18.76 -1.80 -7.97
N GLY B 279 -18.80 -0.52 -8.33
CA GLY B 279 -17.65 0.33 -8.31
C GLY B 279 -17.17 0.56 -6.90
N ALA B 280 -15.97 1.12 -6.80
CA ALA B 280 -15.29 1.30 -5.52
C ALA B 280 -16.01 2.23 -4.56
N SER B 281 -16.85 3.12 -5.11
CA SER B 281 -17.58 4.08 -4.32
C SER B 281 -19.05 3.70 -4.04
N ALA B 282 -19.47 2.49 -4.41
CA ALA B 282 -20.84 2.02 -4.20
C ALA B 282 -21.01 1.20 -2.94
N PRO B 283 -21.85 1.66 -2.00
CA PRO B 283 -22.11 0.87 -0.80
C PRO B 283 -22.78 -0.49 -1.02
N ASP B 284 -22.44 -1.44 -0.16
CA ASP B 284 -22.94 -2.79 -0.31
C ASP B 284 -24.47 -2.87 -0.26
N ILE B 285 -25.09 -1.99 0.49
CA ILE B 285 -26.54 -2.01 0.65
C ILE B 285 -27.22 -1.85 -0.73
N LEU B 286 -26.63 -1.02 -1.60
CA LEU B 286 -27.09 -0.89 -2.98
C LEU B 286 -27.01 -2.21 -3.75
N VAL B 287 -25.95 -3.00 -3.56
CA VAL B 287 -25.87 -4.30 -4.22
C VAL B 287 -27.00 -5.20 -3.71
N GLN B 288 -27.20 -5.18 -2.41
CA GLN B 288 -28.18 -6.05 -1.77
C GLN B 288 -29.55 -5.75 -2.30
N ASN B 289 -29.87 -4.47 -2.46
CA ASN B 289 -31.15 -4.06 -3.04
C ASN B 289 -31.29 -4.50 -4.50
N VAL B 290 -30.20 -4.42 -5.27
CA VAL B 290 -30.18 -4.86 -6.65
C VAL B 290 -30.47 -6.34 -6.74
N VAL B 291 -29.82 -7.10 -5.87
CA VAL B 291 -30.05 -8.52 -5.83
C VAL B 291 -31.53 -8.78 -5.50
N ALA B 292 -32.07 -8.00 -4.56
CA ALA B 292 -33.46 -8.14 -4.17
C ALA B 292 -34.42 -7.82 -5.33
N ARG B 293 -34.13 -6.80 -6.11
CA ARG B 293 -34.92 -6.49 -7.32
C ARG B 293 -34.81 -7.59 -8.38
N LEU B 294 -33.61 -8.14 -8.56
CA LEU B 294 -33.43 -9.21 -9.55
C LEU B 294 -34.19 -10.46 -9.12
N GLN B 295 -34.33 -10.64 -7.81
CA GLN B 295 -35.10 -11.76 -7.28
C GLN B 295 -36.60 -11.58 -7.52
N GLN B 296 -37.09 -10.35 -7.40
CA GLN B 296 -38.48 -10.04 -7.81
C GLN B 296 -38.72 -10.40 -9.28
N LEU B 297 -37.66 -10.34 -10.07
CA LEU B 297 -37.73 -10.60 -11.49
C LEU B 297 -37.32 -12.04 -11.83
N GLY B 298 -37.31 -12.93 -10.85
CA GLY B 298 -37.13 -14.36 -11.12
C GLY B 298 -35.75 -14.93 -10.84
N GLY B 299 -34.88 -14.12 -10.24
CA GLY B 299 -33.55 -14.58 -9.86
C GLY B 299 -33.57 -15.45 -8.61
N GLY B 300 -32.51 -16.23 -8.42
CA GLY B 300 -32.39 -17.12 -7.28
C GLY B 300 -31.50 -16.54 -6.19
N GLU B 301 -30.94 -17.45 -5.40
CA GLU B 301 -29.94 -17.12 -4.39
C GLU B 301 -28.72 -16.53 -5.07
N ALA B 302 -28.30 -15.34 -4.64
CA ALA B 302 -27.12 -14.70 -5.19
C ALA B 302 -25.89 -15.55 -4.90
N ILE B 303 -25.18 -15.93 -5.96
CA ILE B 303 -23.94 -16.69 -5.83
C ILE B 303 -22.70 -15.79 -5.98
N PRO B 304 -21.93 -15.60 -4.89
CA PRO B 304 -20.66 -14.89 -5.03
C PRO B 304 -19.58 -15.75 -5.72
N LEU B 305 -18.89 -15.16 -6.69
CA LEU B 305 -17.78 -15.85 -7.32
C LEU B 305 -16.56 -15.87 -6.40
N GLU B 306 -15.68 -16.84 -6.62
CA GLU B 306 -14.42 -16.93 -5.89
C GLU B 306 -13.54 -15.77 -6.39
N GLY B 307 -12.86 -15.10 -5.48
CA GLY B 307 -12.09 -13.92 -5.87
C GLY B 307 -10.79 -13.69 -5.14
N ARG B 308 -9.97 -12.82 -5.70
CA ARG B 308 -8.75 -12.40 -5.05
C ARG B 308 -9.10 -11.71 -3.74
N GLU B 309 -8.41 -12.11 -2.67
CA GLU B 309 -8.63 -11.55 -1.34
C GLU B 309 -8.00 -10.16 -1.30
N GLU B 310 -8.72 -9.20 -0.70
CA GLU B 310 -8.17 -7.88 -0.41
C GLU B 310 -8.03 -7.76 1.10
N ASN B 311 -6.91 -7.23 1.56
CA ASN B 311 -6.68 -7.12 3.01
C ASN B 311 -6.29 -5.72 3.45
N ILE B 312 -6.33 -4.75 2.55
CA ILE B 312 -5.87 -3.40 2.88
C ILE B 312 -6.97 -2.57 3.52
N VAL B 313 -6.64 -1.95 4.64
CA VAL B 313 -7.50 -0.95 5.28
C VAL B 313 -6.68 0.33 5.47
N PHE B 314 -7.34 1.49 5.25
CA PHE B 314 -6.74 2.77 5.58
C PHE B 314 -7.56 3.41 6.70
N GLU B 315 -6.93 3.69 7.83
CA GLU B 315 -7.64 4.25 8.97
C GLU B 315 -7.91 5.75 8.83
N VAL B 316 -8.94 6.20 9.52
CA VAL B 316 -9.23 7.64 9.59
C VAL B 316 -8.16 8.28 10.48
N PRO B 317 -7.96 9.59 10.32
CA PRO B 317 -7.08 10.29 11.23
C PRO B 317 -7.47 10.03 12.70
N LYS B 318 -6.48 9.91 13.59
CA LYS B 318 -6.75 9.62 15.01
C LYS B 318 -7.74 10.60 15.64
N GLU B 319 -7.66 11.86 15.21
CA GLU B 319 -8.56 12.91 15.69
C GLU B 319 -10.02 12.60 15.39
N LEU B 320 -10.26 11.81 14.35
CA LEU B 320 -11.62 11.44 13.94
C LEU B 320 -12.07 10.05 14.38
N ARG B 321 -11.31 9.41 15.26
CA ARG B 321 -11.72 8.12 15.80
C ARG B 321 -13.04 8.21 16.54
N VAL B 322 -13.91 7.23 16.30
CA VAL B 322 -15.16 7.07 17.04
C VAL B 322 -15.10 5.72 17.79
FE1 F3S C . 7.53 -3.25 6.03
FE3 F3S C . 5.80 -5.38 5.83
FE4 F3S C . 6.44 -4.28 8.25
S1 F3S C . 7.69 -5.02 4.57
S2 F3S C . 8.57 -3.51 8.06
S3 F3S C . 5.24 -3.24 6.56
S4 F3S C . 6.36 -6.52 7.77
C1 2E5 D . 9.07 -8.76 6.68
C3 2E5 D . 10.06 -6.63 6.71
O14 2E5 D . 13.66 -6.37 9.65
P13 2E5 D . 13.47 -7.81 9.39
O15 2E5 D . 14.71 -8.62 9.99
O16 2E5 D . 13.45 -8.10 7.85
O12 2E5 D . 12.12 -8.41 9.96
P9 2E5 D . 11.42 -8.04 11.33
O10 2E5 D . 10.76 -9.29 11.80
O11 2E5 D . 12.28 -7.32 12.40
O8 2E5 D . 10.25 -7.01 10.94
C7 2E5 D . 9.09 -7.47 10.28
C5 2E5 D . 9.31 -7.58 8.77
C6 2E5 D . 8.88 -8.71 8.06
C4 2E5 D . 9.90 -6.53 8.08
N2 2E5 D . 9.66 -7.74 6.03
FE1 F3S E . -8.12 3.05 -5.56
FE3 F3S E . -7.91 4.76 -3.41
FE4 F3S E . -10.17 3.31 -3.89
S1 F3S E . -7.05 5.09 -5.51
S2 F3S E . -10.34 3.09 -6.15
S3 F3S E . -8.08 2.45 -3.28
S4 F3S E . -10.09 5.54 -3.37
C1 2E5 F . -9.91 8.38 -5.69
C3 2E5 F . -9.92 6.46 -7.03
O14 2E5 F . -14.42 8.80 -10.44
P13 2E5 F . -13.49 7.95 -9.49
O15 2E5 F . -12.14 8.53 -9.60
O16 2E5 F . -13.54 6.47 -9.97
O12 2E5 F . -13.87 8.17 -7.98
P9 2E5 F . -14.96 7.35 -7.18
O10 2E5 F . -16.03 6.59 -8.01
O11 2E5 F . -15.48 8.26 -6.15
O8 2E5 F . -14.12 6.25 -6.35
C7 2E5 F . -13.29 6.64 -5.26
C5 2E5 F . -11.87 6.99 -5.72
C6 2E5 F . -11.20 8.12 -5.26
C4 2E5 F . -11.22 6.15 -6.62
N2 2E5 F . -9.30 7.56 -6.57
#